data_7PFQ
#
_entry.id   7PFQ
#
_cell.length_a   45.366
_cell.length_b   60.774
_cell.length_c   83.424
_cell.angle_alpha   90.000
_cell.angle_beta   90.000
_cell.angle_gamma   90.000
#
_symmetry.space_group_name_H-M   'P 21 21 21'
#
loop_
_entity.id
_entity.type
_entity.pdbx_description
1 polymer 'Serine protease subunit NS2B'
2 polymer 'Serine protease NS3'
3 polymer 'Inhibitor MI-2247'
4 water water
#
loop_
_entity_poly.entity_id
_entity_poly.type
_entity_poly.pdbx_seq_one_letter_code
_entity_poly.pdbx_strand_id
1 'polypeptide(L)' MTGKSVDMYIERAGDITWEKDAEVTGNSPRLDVALDESGDFSLVEEDGPPMRE A
2 'polypeptide(L)'
;GSGALWDVPAPKEVKKGETTDGVYRVMTRRLLGSTQVGVGVMQEGVFHTMWHVTKGAALRSGEGRLDPYWGDVKQDLVSY
CGPWKLDAAWDGLSEVQLLAVPPGERAKNIQTLPGIFKTKDGDIGAVALDYPAGTSGSPILDKCGRVIGLYGNGVVIKNG
SYVSAITQGKREEETPVE
;
B
3 'polypeptide(L)' (V7T)G(BAL)(DNE)KK D
#
# COMPACT_ATOMS: atom_id res chain seq x y z
N ASP A 7 2.52 12.86 16.59
CA ASP A 7 2.08 11.97 17.66
C ASP A 7 2.20 10.51 17.19
N MET A 8 1.93 10.28 15.91
CA MET A 8 2.32 9.01 15.34
C MET A 8 3.82 9.08 15.01
N TYR A 9 4.47 7.92 15.00
CA TYR A 9 5.89 7.87 14.72
C TYR A 9 6.15 6.67 13.82
N ILE A 10 7.27 6.70 13.12
CA ILE A 10 7.64 5.64 12.19
C ILE A 10 8.87 4.89 12.70
N GLU A 11 8.92 3.60 12.39
CA GLU A 11 10.01 2.72 12.77
C GLU A 11 10.35 1.80 11.60
N ARG A 12 11.64 1.67 11.30
N ARG A 12 11.64 1.67 11.31
CA ARG A 12 12.02 0.87 10.14
CA ARG A 12 12.05 0.83 10.19
C ARG A 12 11.63 -0.60 10.36
C ARG A 12 11.54 -0.59 10.39
N ALA A 13 11.15 -1.22 9.28
CA ALA A 13 10.71 -2.60 9.30
C ALA A 13 11.44 -3.49 8.32
N GLY A 14 12.15 -2.94 7.35
CA GLY A 14 12.87 -3.81 6.43
C GLY A 14 13.36 -3.07 5.20
N ASP A 15 14.14 -3.80 4.41
CA ASP A 15 14.57 -3.36 3.09
C ASP A 15 13.49 -3.74 2.09
N ILE A 16 13.40 -2.96 1.02
CA ILE A 16 12.42 -3.22 -0.04
C ILE A 16 13.10 -4.06 -1.12
N THR A 17 12.86 -5.37 -1.09
CA THR A 17 13.48 -6.29 -2.03
C THR A 17 12.49 -7.37 -2.43
N TRP A 18 12.65 -7.84 -3.67
CA TRP A 18 11.98 -9.06 -4.12
C TRP A 18 12.63 -10.26 -3.48
N GLU A 19 11.82 -11.23 -3.03
CA GLU A 19 12.32 -12.47 -2.45
C GLU A 19 12.16 -13.61 -3.46
N LYS A 20 13.27 -14.29 -3.77
CA LYS A 20 13.21 -15.40 -4.72
C LYS A 20 12.35 -16.55 -4.19
N ASP A 21 12.40 -16.79 -2.88
CA ASP A 21 11.77 -17.97 -2.30
C ASP A 21 10.27 -17.85 -2.10
N ALA A 22 9.67 -16.71 -2.42
CA ALA A 22 8.42 -16.29 -1.78
C ALA A 22 7.26 -17.27 -2.02
N GLU A 23 6.41 -17.38 -1.00
CA GLU A 23 5.15 -18.11 -1.16
C GLU A 23 4.30 -17.42 -2.22
N VAL A 24 3.61 -18.23 -3.02
CA VAL A 24 2.73 -17.76 -4.08
C VAL A 24 1.30 -18.12 -3.71
N THR A 25 0.41 -17.12 -3.66
CA THR A 25 -0.98 -17.40 -3.33
C THR A 25 -1.88 -16.30 -3.86
N GLY A 26 -3.18 -16.53 -3.75
CA GLY A 26 -4.18 -15.59 -4.19
C GLY A 26 -4.62 -15.86 -5.62
N ASN A 27 -5.86 -15.53 -5.91
CA ASN A 27 -6.40 -15.63 -7.25
C ASN A 27 -6.26 -14.28 -7.98
N SER A 28 -6.89 -14.17 -9.16
CA SER A 28 -6.70 -13.01 -10.04
C SER A 28 -8.03 -12.56 -10.60
N PRO A 29 -8.88 -11.99 -9.75
CA PRO A 29 -10.24 -11.68 -10.17
C PRO A 29 -10.31 -10.44 -11.04
N ARG A 30 -11.24 -10.46 -11.98
CA ARG A 30 -11.56 -9.32 -12.83
C ARG A 30 -12.90 -8.78 -12.36
N LEU A 31 -12.88 -7.64 -11.70
CA LEU A 31 -14.05 -7.09 -11.00
C LEU A 31 -14.43 -5.74 -11.55
N ASP A 32 -15.72 -5.54 -11.78
CA ASP A 32 -16.23 -4.23 -12.16
C ASP A 32 -16.38 -3.38 -10.90
N VAL A 33 -15.72 -2.23 -10.89
CA VAL A 33 -15.58 -1.43 -9.69
C VAL A 33 -15.82 0.03 -10.00
N ALA A 34 -16.31 0.75 -8.98
CA ALA A 34 -16.43 2.19 -9.00
C ALA A 34 -15.66 2.79 -7.84
N LEU A 35 -15.13 3.99 -8.07
CA LEU A 35 -14.36 4.74 -7.08
C LEU A 35 -15.06 6.06 -6.84
N ASP A 36 -15.47 6.30 -5.60
CA ASP A 36 -16.13 7.55 -5.26
C ASP A 36 -15.13 8.61 -4.82
N GLU A 37 -15.64 9.81 -4.60
CA GLU A 37 -14.75 10.94 -4.31
C GLU A 37 -14.13 10.83 -2.92
N SER A 38 -14.70 10.00 -2.04
CA SER A 38 -14.15 9.74 -0.73
C SER A 38 -13.02 8.74 -0.73
N GLY A 39 -12.68 8.18 -1.89
CA GLY A 39 -11.64 7.18 -1.98
C GLY A 39 -12.09 5.77 -1.68
N ASP A 40 -13.38 5.50 -1.74
CA ASP A 40 -13.91 4.15 -1.50
C ASP A 40 -14.18 3.49 -2.83
N PHE A 41 -13.64 2.30 -3.00
CA PHE A 41 -14.01 1.42 -4.10
C PHE A 41 -15.24 0.61 -3.72
N SER A 42 -16.09 0.35 -4.70
N SER A 42 -16.10 0.37 -4.70
CA SER A 42 -17.27 -0.49 -4.52
CA SER A 42 -17.27 -0.49 -4.52
C SER A 42 -17.48 -1.33 -5.77
C SER A 42 -17.46 -1.34 -5.76
N LEU A 43 -18.06 -2.51 -5.58
CA LEU A 43 -18.37 -3.37 -6.71
C LEU A 43 -19.62 -2.85 -7.42
N VAL A 44 -19.59 -2.91 -8.74
CA VAL A 44 -20.74 -2.56 -9.53
C VAL A 44 -21.65 -3.77 -9.66
N THR B 19 15.17 7.81 8.30
CA THR B 19 16.08 8.39 7.31
C THR B 19 16.29 7.46 6.11
N THR B 20 16.77 6.25 6.40
CA THR B 20 17.18 5.32 5.36
C THR B 20 15.98 4.90 4.49
N ASP B 21 16.23 4.72 3.19
CA ASP B 21 15.25 4.08 2.33
C ASP B 21 14.82 2.76 2.95
N GLY B 22 13.57 2.42 2.77
CA GLY B 22 13.06 1.15 3.24
C GLY B 22 11.59 1.23 3.53
N VAL B 23 11.09 0.16 4.14
CA VAL B 23 9.68 0.06 4.56
C VAL B 23 9.63 0.27 6.07
N TYR B 24 8.60 1.00 6.53
CA TYR B 24 8.50 1.48 7.90
C TYR B 24 7.10 1.22 8.43
N ARG B 25 7.02 0.88 9.71
CA ARG B 25 5.75 0.82 10.41
C ARG B 25 5.35 2.21 10.87
N VAL B 26 4.04 2.49 10.82
CA VAL B 26 3.48 3.72 11.35
C VAL B 26 2.73 3.37 12.63
N MET B 27 3.18 3.95 13.74
N MET B 27 3.12 4.01 13.73
CA MET B 27 2.70 3.62 15.07
CA MET B 27 2.63 3.61 15.03
C MET B 27 1.99 4.83 15.69
C MET B 27 2.07 4.80 15.80
N THR B 28 1.01 4.55 16.54
CA THR B 28 0.40 5.55 17.40
C THR B 28 0.80 5.19 18.82
N ARG B 29 1.32 6.16 19.55
CA ARG B 29 1.88 5.89 20.88
C ARG B 29 0.76 5.87 21.89
N SER B 34 1.84 1.21 22.41
CA SER B 34 1.69 1.81 21.09
C SER B 34 1.22 0.75 20.11
N THR B 35 0.69 1.21 18.98
CA THR B 35 -0.06 0.35 18.09
C THR B 35 0.30 0.66 16.66
N GLN B 36 0.46 -0.37 15.84
CA GLN B 36 0.74 -0.17 14.43
C GLN B 36 -0.57 0.02 13.66
N VAL B 37 -0.72 1.19 13.05
CA VAL B 37 -1.90 1.51 12.26
C VAL B 37 -1.63 1.49 10.77
N GLY B 38 -0.38 1.42 10.35
CA GLY B 38 -0.10 1.30 8.94
C GLY B 38 1.38 1.14 8.71
N VAL B 39 1.75 1.36 7.44
CA VAL B 39 3.07 1.10 6.90
C VAL B 39 3.31 2.17 5.84
N GLY B 40 4.57 2.42 5.54
CA GLY B 40 4.88 3.30 4.43
C GLY B 40 6.27 3.02 3.89
N VAL B 41 6.60 3.75 2.82
CA VAL B 41 7.85 3.57 2.07
C VAL B 41 8.63 4.87 2.10
N MET B 42 9.90 4.78 2.52
CA MET B 42 10.83 5.89 2.38
C MET B 42 11.64 5.69 1.11
N GLN B 43 11.60 6.67 0.21
CA GLN B 43 12.38 6.62 -1.01
C GLN B 43 12.70 8.06 -1.42
N GLU B 44 13.97 8.30 -1.71
CA GLU B 44 14.42 9.63 -2.14
C GLU B 44 14.01 10.71 -1.15
N GLY B 45 14.14 10.42 0.14
CA GLY B 45 13.86 11.42 1.16
C GLY B 45 12.39 11.71 1.40
N VAL B 46 11.48 10.94 0.80
CA VAL B 46 10.05 11.18 0.92
C VAL B 46 9.41 9.94 1.53
N PHE B 47 8.53 10.15 2.49
CA PHE B 47 7.79 9.06 3.11
C PHE B 47 6.40 8.97 2.47
N HIS B 48 6.04 7.77 2.01
CA HIS B 48 4.83 7.54 1.24
C HIS B 48 3.92 6.57 2.01
N THR B 49 2.66 6.95 2.23
CA THR B 49 1.73 6.03 2.86
C THR B 49 0.33 6.30 2.32
N MET B 50 -0.67 5.64 2.92
N MET B 50 -0.68 5.68 2.91
CA MET B 50 -2.05 5.88 2.57
CA MET B 50 -2.05 5.89 2.49
C MET B 50 -2.59 7.08 3.34
C MET B 50 -2.72 6.93 3.37
N TRP B 51 -3.56 7.77 2.75
CA TRP B 51 -4.23 8.85 3.47
C TRP B 51 -4.94 8.32 4.71
N HIS B 52 -5.63 7.18 4.57
CA HIS B 52 -6.42 6.69 5.71
C HIS B 52 -5.56 6.27 6.89
N VAL B 53 -4.26 6.07 6.71
CA VAL B 53 -3.37 5.73 7.82
C VAL B 53 -3.10 6.93 8.72
N THR B 54 -2.75 8.09 8.13
CA THR B 54 -2.34 9.24 8.95
C THR B 54 -3.32 10.40 8.89
N LYS B 55 -4.20 10.46 7.90
CA LYS B 55 -5.10 11.58 7.69
C LYS B 55 -4.35 12.88 7.48
N GLY B 56 -3.09 12.79 7.09
CA GLY B 56 -2.25 13.95 6.89
C GLY B 56 -1.66 14.53 8.14
N ALA B 57 -1.77 13.85 9.27
CA ALA B 57 -1.13 14.33 10.48
C ALA B 57 0.39 14.21 10.38
N ALA B 58 1.08 15.07 11.14
CA ALA B 58 2.53 15.02 11.16
C ALA B 58 3.00 13.72 11.79
N LEU B 59 4.23 13.32 11.43
CA LEU B 59 4.82 12.10 11.93
C LEU B 59 6.16 12.40 12.57
N ARG B 60 6.51 11.61 13.58
CA ARG B 60 7.81 11.69 14.22
C ARG B 60 8.70 10.59 13.67
N SER B 61 9.97 10.91 13.46
CA SER B 61 10.98 9.94 13.04
C SER B 61 12.17 10.26 13.95
N GLY B 62 12.34 9.46 14.99
CA GLY B 62 13.36 9.77 15.98
C GLY B 62 13.01 11.06 16.67
N GLU B 63 13.97 11.99 16.67
CA GLU B 63 13.76 13.35 17.17
C GLU B 63 13.17 14.29 16.12
N GLY B 64 13.06 13.86 14.86
CA GLY B 64 12.62 14.74 13.79
C GLY B 64 11.13 14.65 13.53
N ARG B 65 10.63 15.62 12.78
CA ARG B 65 9.22 15.70 12.42
C ARG B 65 9.11 15.67 10.90
N LEU B 66 8.16 14.88 10.41
CA LEU B 66 7.82 14.83 9.00
C LEU B 66 6.47 15.50 8.81
N ASP B 67 6.41 16.43 7.88
CA ASP B 67 5.17 17.14 7.59
C ASP B 67 4.61 16.73 6.25
N PRO B 68 3.30 16.65 6.11
CA PRO B 68 2.73 16.25 4.83
C PRO B 68 3.00 17.30 3.77
N TYR B 69 3.32 16.84 2.58
CA TYR B 69 3.64 17.69 1.44
C TYR B 69 2.58 17.62 0.36
N TRP B 70 2.04 16.44 0.11
CA TRP B 70 1.10 16.20 -0.96
C TRP B 70 0.17 15.11 -0.47
N GLY B 71 -1.11 15.18 -0.86
CA GLY B 71 -1.98 14.05 -0.60
C GLY B 71 -3.31 14.21 -1.31
N ASP B 72 -4.02 13.10 -1.41
CA ASP B 72 -5.29 13.09 -2.13
C ASP B 72 -6.18 12.02 -1.51
N VAL B 73 -7.35 12.46 -1.03
CA VAL B 73 -8.30 11.55 -0.40
C VAL B 73 -8.85 10.53 -1.39
N LYS B 74 -9.18 10.94 -2.61
CA LYS B 74 -9.76 10.01 -3.57
C LYS B 74 -8.77 8.91 -3.95
N GLN B 75 -7.50 9.26 -4.14
CA GLN B 75 -6.46 8.28 -4.37
C GLN B 75 -6.07 7.52 -3.11
N ASP B 76 -6.41 8.05 -1.94
CA ASP B 76 -6.02 7.48 -0.65
C ASP B 76 -4.49 7.41 -0.48
N LEU B 77 -3.82 8.50 -0.81
CA LEU B 77 -2.36 8.58 -0.74
C LEU B 77 -1.92 9.89 -0.09
N VAL B 78 -0.73 9.84 0.53
CA VAL B 78 -0.11 11.01 1.15
C VAL B 78 1.40 10.82 1.09
N SER B 79 2.12 11.91 0.83
CA SER B 79 3.58 11.90 0.93
C SER B 79 4.05 13.01 1.87
N TYR B 80 5.17 12.73 2.53
CA TYR B 80 5.79 13.60 3.53
C TYR B 80 7.16 14.06 3.04
N CYS B 81 7.43 15.34 3.22
CA CYS B 81 8.75 15.98 3.00
C CYS B 81 9.07 16.18 1.53
N GLY B 82 8.18 15.83 0.62
CA GLY B 82 8.39 16.05 -0.78
C GLY B 82 7.26 15.46 -1.58
N PRO B 83 7.30 15.64 -2.89
CA PRO B 83 6.26 15.08 -3.76
C PRO B 83 6.40 13.58 -3.91
N TRP B 84 5.32 12.98 -4.40
CA TRP B 84 5.27 11.54 -4.61
C TRP B 84 6.39 11.11 -5.57
N LYS B 85 7.19 10.11 -5.16
CA LYS B 85 8.36 9.69 -5.92
C LYS B 85 8.22 8.33 -6.60
N LEU B 86 7.24 7.52 -6.21
CA LEU B 86 7.12 6.16 -6.73
C LEU B 86 6.37 6.18 -8.05
N ASP B 87 7.02 5.75 -9.12
CA ASP B 87 6.41 5.85 -10.44
C ASP B 87 6.38 4.55 -11.22
N ALA B 88 6.89 3.45 -10.69
CA ALA B 88 6.81 2.19 -11.40
C ALA B 88 5.35 1.75 -11.52
N ALA B 89 5.05 1.05 -12.60
CA ALA B 89 3.69 0.59 -12.88
C ALA B 89 3.67 -0.92 -13.10
N TRP B 90 2.60 -1.56 -12.65
CA TRP B 90 2.38 -2.95 -13.02
C TRP B 90 2.32 -3.07 -14.55
N ASP B 91 3.01 -4.07 -15.08
CA ASP B 91 3.03 -4.27 -16.53
C ASP B 91 1.83 -5.03 -17.06
N GLY B 92 0.88 -5.42 -16.19
CA GLY B 92 -0.33 -6.09 -16.62
C GLY B 92 -0.19 -7.57 -16.92
N LEU B 93 1.00 -8.12 -16.77
CA LEU B 93 1.29 -9.49 -17.19
C LEU B 93 2.00 -10.30 -16.13
N SER B 94 2.90 -9.68 -15.37
CA SER B 94 3.81 -10.39 -14.50
C SER B 94 3.26 -10.51 -13.09
N GLU B 95 3.71 -11.55 -12.40
CA GLU B 95 3.42 -11.63 -10.97
C GLU B 95 4.13 -10.52 -10.22
N VAL B 96 3.60 -10.21 -9.03
CA VAL B 96 4.12 -9.14 -8.19
C VAL B 96 4.32 -9.73 -6.79
N GLN B 97 4.95 -8.95 -5.91
CA GLN B 97 5.07 -9.34 -4.52
C GLN B 97 4.55 -8.26 -3.62
N LEU B 98 3.65 -8.64 -2.72
CA LEU B 98 3.30 -7.79 -1.59
C LEU B 98 4.36 -7.97 -0.52
N LEU B 99 5.02 -6.88 -0.14
N LEU B 99 4.98 -6.86 -0.11
CA LEU B 99 5.92 -6.89 1.02
CA LEU B 99 5.91 -6.85 1.03
C LEU B 99 5.04 -6.49 2.19
C LEU B 99 5.08 -6.49 2.25
N ALA B 100 4.38 -7.50 2.77
CA ALA B 100 3.44 -7.26 3.85
C ALA B 100 4.19 -7.01 5.14
N VAL B 101 3.80 -5.96 5.86
CA VAL B 101 4.37 -5.67 7.18
C VAL B 101 3.21 -5.68 8.17
N PRO B 102 2.77 -6.84 8.64
CA PRO B 102 1.60 -6.89 9.51
C PRO B 102 1.95 -6.46 10.92
N PRO B 103 1.01 -5.87 11.64
CA PRO B 103 1.26 -5.54 13.04
C PRO B 103 1.74 -6.75 13.81
N GLY B 104 2.83 -6.57 14.58
CA GLY B 104 3.35 -7.63 15.42
C GLY B 104 4.08 -8.75 14.72
N GLU B 105 4.33 -8.63 13.41
CA GLU B 105 4.96 -9.70 12.66
C GLU B 105 6.05 -9.12 11.77
N ARG B 106 7.02 -9.97 11.44
CA ARG B 106 8.10 -9.53 10.58
C ARG B 106 7.59 -9.29 9.17
N ALA B 107 8.28 -8.41 8.45
CA ALA B 107 7.99 -8.19 7.05
C ALA B 107 8.13 -9.51 6.29
N LYS B 108 7.21 -9.73 5.35
CA LYS B 108 7.22 -10.96 4.57
C LYS B 108 6.73 -10.69 3.15
N ASN B 109 7.31 -11.41 2.20
CA ASN B 109 6.96 -11.27 0.79
C ASN B 109 5.97 -12.35 0.38
N ILE B 110 4.90 -11.95 -0.28
CA ILE B 110 3.90 -12.85 -0.82
C ILE B 110 3.75 -12.56 -2.30
N GLN B 111 3.97 -13.58 -3.13
CA GLN B 111 3.86 -13.41 -4.57
C GLN B 111 2.48 -13.77 -5.06
N THR B 112 2.02 -13.07 -6.09
CA THR B 112 0.67 -13.29 -6.61
C THR B 112 0.60 -12.74 -8.02
N LEU B 113 -0.35 -13.27 -8.80
CA LEU B 113 -0.72 -12.66 -10.08
C LEU B 113 -1.90 -11.73 -9.84
N PRO B 114 -1.76 -10.42 -10.03
CA PRO B 114 -2.91 -9.53 -9.81
C PRO B 114 -4.07 -9.85 -10.73
N GLY B 115 -5.27 -9.60 -10.23
CA GLY B 115 -6.43 -9.38 -11.06
C GLY B 115 -6.53 -7.92 -11.44
N ILE B 116 -7.76 -7.49 -11.73
N ILE B 116 -7.73 -7.49 -11.81
CA ILE B 116 -8.04 -6.17 -12.28
CA ILE B 116 -7.91 -6.09 -12.15
C ILE B 116 -9.28 -5.60 -11.61
C ILE B 116 -9.25 -5.59 -11.63
N PHE B 117 -9.23 -4.32 -11.22
CA PHE B 117 -10.43 -3.55 -11.03
C PHE B 117 -10.70 -2.86 -12.37
N LYS B 118 -11.83 -3.19 -13.01
CA LYS B 118 -12.23 -2.53 -14.23
C LYS B 118 -13.07 -1.32 -13.86
N THR B 119 -12.58 -0.13 -14.19
CA THR B 119 -13.31 1.09 -13.85
C THR B 119 -13.55 1.93 -15.11
N LYS B 120 -14.41 2.93 -14.95
CA LYS B 120 -14.69 3.83 -16.07
C LYS B 120 -13.46 4.61 -16.50
N ASP B 121 -12.44 4.71 -15.64
CA ASP B 121 -11.22 5.45 -15.94
C ASP B 121 -10.03 4.53 -16.18
N GLY B 122 -10.28 3.29 -16.53
CA GLY B 122 -9.21 2.36 -16.85
C GLY B 122 -9.14 1.20 -15.87
N ASP B 123 -8.28 0.26 -16.21
CA ASP B 123 -8.05 -0.90 -15.36
C ASP B 123 -6.98 -0.58 -14.32
N ILE B 124 -7.17 -1.08 -13.11
CA ILE B 124 -6.20 -0.98 -12.04
C ILE B 124 -5.86 -2.40 -11.61
N GLY B 125 -4.58 -2.75 -11.57
CA GLY B 125 -4.20 -4.02 -10.99
C GLY B 125 -4.69 -4.14 -9.56
N ALA B 126 -5.01 -5.37 -9.15
CA ALA B 126 -5.59 -5.61 -7.84
C ALA B 126 -5.15 -6.97 -7.32
N VAL B 127 -4.77 -7.03 -6.05
CA VAL B 127 -4.23 -8.24 -5.44
C VAL B 127 -5.24 -8.82 -4.47
N ALA B 128 -5.52 -10.12 -4.63
CA ALA B 128 -6.46 -10.85 -3.80
C ALA B 128 -5.69 -11.47 -2.62
N LEU B 129 -5.25 -10.58 -1.73
CA LEU B 129 -4.48 -10.92 -0.54
C LEU B 129 -5.08 -10.16 0.62
N ASP B 130 -5.29 -10.84 1.74
CA ASP B 130 -6.07 -10.31 2.85
C ASP B 130 -5.19 -10.25 4.09
N TYR B 131 -4.82 -9.05 4.50
CA TYR B 131 -3.99 -8.81 5.66
C TYR B 131 -4.68 -7.76 6.54
N PRO B 132 -4.29 -7.66 7.81
CA PRO B 132 -5.04 -6.80 8.72
C PRO B 132 -4.93 -5.31 8.40
N ALA B 133 -5.87 -4.56 8.99
CA ALA B 133 -5.96 -3.12 8.82
C ALA B 133 -4.62 -2.42 8.89
N GLY B 134 -3.79 -2.77 9.90
CA GLY B 134 -2.53 -2.08 10.09
C GLY B 134 -1.45 -2.43 9.11
N THR B 135 -1.72 -3.33 8.16
CA THR B 135 -0.84 -3.59 7.03
C THR B 135 -0.99 -2.54 5.94
N SER B 136 -2.01 -1.67 6.03
CA SER B 136 -2.23 -0.62 5.05
C SER B 136 -0.97 0.18 4.79
N GLY B 137 -0.66 0.40 3.51
CA GLY B 137 0.53 1.11 3.11
C GLY B 137 1.72 0.22 2.76
N SER B 138 1.58 -1.08 2.96
CA SER B 138 2.66 -2.00 2.59
C SER B 138 2.89 -1.95 1.08
N PRO B 139 4.14 -1.97 0.64
CA PRO B 139 4.42 -1.83 -0.79
C PRO B 139 4.23 -3.12 -1.55
N ILE B 140 3.82 -2.95 -2.80
CA ILE B 140 3.71 -4.00 -3.80
C ILE B 140 4.81 -3.77 -4.82
N LEU B 141 5.54 -4.85 -5.15
CA LEU B 141 6.79 -4.76 -5.88
C LEU B 141 6.72 -5.52 -7.20
N ASP B 142 7.41 -4.98 -8.19
CA ASP B 142 7.67 -5.75 -9.41
C ASP B 142 8.95 -6.57 -9.23
N LYS B 143 9.31 -7.34 -10.28
CA LYS B 143 10.44 -8.27 -10.20
C LYS B 143 11.77 -7.56 -10.04
N CYS B 144 11.84 -6.27 -10.41
CA CYS B 144 13.03 -5.47 -10.17
C CYS B 144 13.07 -4.83 -8.78
N GLY B 145 12.10 -5.14 -7.92
CA GLY B 145 12.06 -4.57 -6.59
C GLY B 145 11.52 -3.16 -6.53
N ARG B 146 11.00 -2.64 -7.63
CA ARG B 146 10.45 -1.29 -7.63
C ARG B 146 9.03 -1.32 -7.07
N VAL B 147 8.67 -0.25 -6.36
CA VAL B 147 7.35 -0.18 -5.74
C VAL B 147 6.35 0.27 -6.80
N ILE B 148 5.43 -0.63 -7.16
CA ILE B 148 4.40 -0.32 -8.15
C ILE B 148 3.11 0.17 -7.52
N GLY B 149 3.02 0.19 -6.19
CA GLY B 149 1.89 0.77 -5.51
C GLY B 149 1.88 0.32 -4.06
N LEU B 150 0.85 0.78 -3.35
CA LEU B 150 0.66 0.48 -1.94
C LEU B 150 -0.63 -0.31 -1.75
N TYR B 151 -0.59 -1.22 -0.78
CA TYR B 151 -1.68 -2.11 -0.43
C TYR B 151 -2.62 -1.50 0.59
N GLY B 152 -3.91 -1.71 0.40
CA GLY B 152 -4.85 -1.45 1.48
C GLY B 152 -6.06 -0.60 1.18
N ASN B 153 -6.33 -0.27 -0.08
CA ASN B 153 -7.60 0.33 -0.45
C ASN B 153 -8.28 -0.61 -1.43
N GLY B 154 -9.39 -1.21 -1.01
CA GLY B 154 -9.93 -2.32 -1.78
C GLY B 154 -11.43 -2.51 -1.69
N VAL B 155 -11.86 -3.73 -2.00
CA VAL B 155 -13.26 -4.12 -1.97
C VAL B 155 -13.37 -5.44 -1.23
N VAL B 156 -14.58 -5.73 -0.75
CA VAL B 156 -14.97 -7.01 -0.17
C VAL B 156 -15.96 -7.66 -1.12
N ILE B 157 -15.67 -8.88 -1.55
CA ILE B 157 -16.56 -9.61 -2.46
C ILE B 157 -17.60 -10.39 -1.66
N LYS B 158 -18.50 -11.09 -2.37
CA LYS B 158 -19.69 -11.64 -1.72
C LYS B 158 -19.33 -12.59 -0.58
N ASN B 159 -18.28 -13.40 -0.74
CA ASN B 159 -17.92 -14.36 0.31
C ASN B 159 -17.13 -13.72 1.47
N GLY B 160 -16.97 -12.39 1.45
CA GLY B 160 -16.23 -11.70 2.48
C GLY B 160 -14.77 -11.46 2.18
N SER B 161 -14.21 -12.11 1.18
N SER B 161 -14.24 -12.11 1.14
CA SER B 161 -12.77 -11.97 1.01
CA SER B 161 -12.82 -12.00 0.79
C SER B 161 -12.43 -10.63 0.36
C SER B 161 -12.45 -10.59 0.37
N TYR B 162 -11.18 -10.24 0.53
CA TYR B 162 -10.71 -8.90 0.21
C TYR B 162 -9.85 -8.90 -1.03
N VAL B 163 -9.95 -7.82 -1.80
CA VAL B 163 -9.09 -7.56 -2.95
C VAL B 163 -8.66 -6.11 -2.88
N SER B 164 -7.35 -5.87 -2.87
CA SER B 164 -6.80 -4.52 -2.78
C SER B 164 -6.40 -3.99 -4.13
N ALA B 165 -6.74 -2.75 -4.43
CA ALA B 165 -6.09 -2.09 -5.55
C ALA B 165 -4.59 -2.05 -5.34
N ILE B 166 -3.84 -2.03 -6.43
CA ILE B 166 -2.43 -1.62 -6.43
C ILE B 166 -2.47 -0.12 -6.61
N THR B 167 -2.45 0.63 -5.50
CA THR B 167 -2.64 2.08 -5.55
C THR B 167 -1.31 2.77 -5.78
N GLN B 168 -1.19 3.53 -6.87
CA GLN B 168 0.04 4.22 -7.23
C GLN B 168 -0.28 5.69 -7.48
N GLY B 169 0.63 6.55 -7.04
CA GLY B 169 0.49 7.97 -7.28
C GLY B 169 1.14 8.38 -8.59
N LYS B 170 1.07 9.69 -8.87
CA LYS B 170 1.70 10.28 -10.05
C LYS B 170 2.97 10.99 -9.64
N ARG B 171 4.07 10.69 -10.30
CA ARG B 171 5.32 11.40 -10.04
C ARG B 171 5.50 12.51 -11.06
N GLY C 2 -10.64 -5.14 7.27
CA GLY C 2 -10.88 -5.10 8.70
C GLY C 2 -10.73 -3.75 9.38
N LYS C 5 -13.00 -1.82 4.21
CA LYS C 5 -12.23 -2.05 3.01
C LYS C 5 -10.82 -1.45 3.07
N LYS C 6 -10.45 -0.91 4.23
CA LYS C 6 -9.15 -0.28 4.42
C LYS C 6 -8.19 -1.22 5.16
#